data_7D9M
#
_entry.id   7D9M
#
_cell.length_a   83.090
_cell.length_b   83.090
_cell.length_c   302.931
_cell.angle_alpha   90.000
_cell.angle_beta   90.000
_cell.angle_gamma   120.000
#
_symmetry.space_group_name_H-M   'P 65 2 2'
#
_entity_poly.entity_id   1
_entity_poly.type   'polypeptide(L)'
_entity_poly.pdbx_seq_one_letter_code
;QPVKRSIIAQDMFKTAFKGFKDGISAKCPKDTRLYSPDIQEDCLSSALKCTIAELKVLEVECNVTENDDFMMIYEGLNKE
KWNTSSSSPRNCTCELYNQTHVKEFVENMERLVQLLYTRTQ
;
_entity_poly.pdbx_strand_id   B,D
#
# COMPACT_ATOMS: atom_id res chain seq x y z
N ARG A 5 -12.76 -12.40 21.04
CA ARG A 5 -11.41 -11.91 20.82
C ARG A 5 -10.51 -12.06 22.05
N SER A 6 -9.31 -12.61 21.84
CA SER A 6 -8.35 -12.84 22.91
C SER A 6 -7.69 -11.51 23.31
N ILE A 7 -8.21 -10.90 24.37
CA ILE A 7 -7.66 -9.63 24.85
C ILE A 7 -6.22 -9.78 25.30
N ILE A 8 -5.83 -10.94 25.79
CA ILE A 8 -4.47 -11.13 26.23
C ILE A 8 -3.52 -10.93 25.05
N ALA A 9 -3.83 -11.54 23.91
CA ALA A 9 -2.93 -11.46 22.76
C ALA A 9 -2.93 -10.06 22.12
N GLN A 10 -4.11 -9.43 21.96
CA GLN A 10 -4.17 -8.07 21.41
C GLN A 10 -3.39 -7.09 22.28
N ASP A 11 -3.32 -7.36 23.58
CA ASP A 11 -2.62 -6.46 24.47
C ASP A 11 -1.10 -6.60 24.30
N MET A 12 -0.62 -7.82 24.09
CA MET A 12 0.81 -7.98 23.87
C MET A 12 1.20 -7.40 22.50
N PHE A 13 0.37 -7.64 21.46
CA PHE A 13 0.64 -7.04 20.17
C PHE A 13 0.63 -5.53 20.26
N LYS A 14 -0.25 -4.98 21.10
CA LYS A 14 -0.26 -3.54 21.28
C LYS A 14 1.06 -3.06 21.87
N THR A 15 1.50 -3.65 23.01
CA THR A 15 2.77 -3.22 23.57
C THR A 15 3.90 -3.45 22.59
N ALA A 16 3.91 -4.61 21.91
CA ALA A 16 5.02 -4.96 21.02
C ALA A 16 5.07 -4.08 19.78
N PHE A 17 3.91 -3.72 19.21
CA PHE A 17 3.91 -2.82 18.07
C PHE A 17 4.26 -1.39 18.45
N LYS A 18 4.07 -1.00 19.70
CA LYS A 18 4.43 0.37 20.06
C LYS A 18 5.94 0.50 20.27
N GLY A 19 6.53 -0.45 21.01
CA GLY A 19 7.97 -0.43 21.23
C GLY A 19 8.79 -0.68 19.97
N PHE A 20 8.31 -1.56 19.09
CA PHE A 20 9.03 -1.83 17.84
C PHE A 20 8.96 -0.65 16.88
N LYS A 21 7.76 -0.06 16.74
CA LYS A 21 7.56 1.03 15.78
C LYS A 21 8.35 2.27 16.16
N ASP A 22 8.69 2.44 17.44
CA ASP A 22 9.31 3.70 17.87
C ASP A 22 10.78 3.74 17.54
N GLY A 23 11.48 2.61 17.70
CA GLY A 23 12.90 2.60 17.42
C GLY A 23 13.24 2.55 15.95
N ILE A 24 12.31 2.04 15.12
CA ILE A 24 12.63 1.83 13.71
C ILE A 24 12.69 3.15 12.96
N SER A 25 12.90 3.06 11.65
CA SER A 25 13.43 4.11 10.77
C SER A 25 14.91 4.24 11.11
N ALA A 26 15.21 4.92 12.24
CA ALA A 26 16.61 5.13 12.62
C ALA A 26 17.41 3.84 12.72
N LYS A 27 16.75 2.68 12.83
CA LYS A 27 17.40 1.39 12.87
C LYS A 27 17.57 0.75 11.50
N CYS A 28 17.03 1.38 10.46
CA CYS A 28 17.07 0.88 9.09
C CYS A 28 17.65 1.93 8.17
N PRO A 29 18.25 1.49 7.06
CA PRO A 29 18.57 2.43 5.98
C PRO A 29 17.32 3.16 5.51
N LYS A 30 17.43 4.47 5.32
CA LYS A 30 16.32 5.17 4.66
C LYS A 30 15.96 4.52 3.34
N ASP A 31 16.95 3.92 2.67
CA ASP A 31 16.72 3.29 1.37
C ASP A 31 15.91 2.00 1.47
N THR A 32 15.67 1.50 2.69
CA THR A 32 14.90 0.26 2.86
C THR A 32 13.45 0.49 2.49
N ARG A 33 12.95 -0.33 1.57
CA ARG A 33 11.55 -0.34 1.18
C ARG A 33 11.03 -1.77 1.31
N LEU A 34 9.85 -1.89 1.90
CA LEU A 34 9.24 -3.19 2.18
C LEU A 34 7.88 -3.26 1.51
N TYR A 35 7.55 -4.44 0.99
CA TYR A 35 6.19 -4.67 0.52
C TYR A 35 5.20 -4.64 1.69
N SER A 36 4.13 -3.87 1.54
CA SER A 36 3.14 -3.64 2.61
C SER A 36 1.73 -4.11 2.23
N PRO A 37 1.35 -5.34 2.61
CA PRO A 37 -0.02 -5.83 2.40
C PRO A 37 -1.12 -4.97 3.04
N ASP A 38 -2.30 -4.92 2.36
CA ASP A 38 -3.52 -4.29 2.86
C ASP A 38 -4.45 -5.35 3.48
N ILE A 39 -5.71 -4.97 3.70
CA ILE A 39 -6.73 -5.80 4.33
C ILE A 39 -7.86 -6.05 3.35
N GLN A 40 -7.53 -6.42 2.13
CA GLN A 40 -8.60 -6.79 1.22
C GLN A 40 -9.14 -8.14 1.63
N GLU A 41 -10.48 -8.26 1.64
CA GLU A 41 -11.18 -9.35 2.30
C GLU A 41 -10.73 -10.72 1.79
N ASP A 42 -10.41 -10.84 0.51
CA ASP A 42 -10.22 -12.14 -0.10
C ASP A 42 -8.75 -12.55 -0.21
N CYS A 43 -7.84 -11.81 0.42
CA CYS A 43 -6.42 -12.11 0.29
C CYS A 43 -5.71 -12.07 1.64
N LEU A 44 -6.46 -12.04 2.75
CA LEU A 44 -5.84 -11.93 4.07
C LEU A 44 -4.77 -13.02 4.31
N SER A 45 -5.05 -14.24 3.86
CA SER A 45 -4.07 -15.28 4.10
C SER A 45 -2.79 -15.01 3.29
N SER A 46 -2.91 -14.63 2.01
CA SER A 46 -1.73 -14.14 1.28
C SER A 46 -1.07 -13.01 2.04
N ALA A 47 -1.86 -11.99 2.39
CA ALA A 47 -1.36 -10.78 3.05
C ALA A 47 -0.52 -11.12 4.28
N LEU A 48 -0.91 -12.19 4.99
CA LEU A 48 -0.15 -12.62 6.17
C LEU A 48 1.16 -13.30 5.79
N LYS A 49 1.14 -14.13 4.73
CA LYS A 49 2.37 -14.80 4.32
C LYS A 49 3.37 -13.79 3.80
N CYS A 50 2.88 -12.71 3.17
CA CYS A 50 3.77 -11.69 2.67
C CYS A 50 4.30 -10.80 3.80
N THR A 51 3.45 -10.41 4.76
CA THR A 51 3.95 -9.68 5.94
C THR A 51 5.06 -10.45 6.64
N ILE A 52 4.97 -11.78 6.64
CA ILE A 52 5.96 -12.60 7.35
C ILE A 52 7.26 -12.65 6.57
N ALA A 53 7.18 -12.87 5.26
CA ALA A 53 8.38 -12.89 4.44
C ALA A 53 9.13 -11.57 4.53
N GLU A 54 8.41 -10.45 4.54
CA GLU A 54 9.09 -9.17 4.50
C GLU A 54 9.63 -8.77 5.87
N LEU A 55 9.01 -9.24 6.96
CA LEU A 55 9.63 -9.10 8.28
C LEU A 55 11.04 -9.69 8.27
N LYS A 56 11.17 -10.90 7.70
CA LYS A 56 12.48 -11.48 7.40
C LYS A 56 13.37 -10.51 6.62
N VAL A 57 12.83 -9.89 5.57
CA VAL A 57 13.60 -8.90 4.82
C VAL A 57 14.02 -7.76 5.72
N LEU A 58 13.09 -7.28 6.56
CA LEU A 58 13.43 -6.24 7.53
C LEU A 58 14.52 -6.72 8.47
N GLU A 59 14.57 -8.02 8.74
CA GLU A 59 15.59 -8.54 9.65
C GLU A 59 16.99 -8.27 9.08
N VAL A 60 17.26 -8.82 7.90
CA VAL A 60 18.62 -8.89 7.38
C VAL A 60 19.16 -7.53 6.98
N GLU A 61 18.32 -6.53 6.79
CA GLU A 61 18.77 -5.21 6.37
C GLU A 61 18.71 -4.19 7.50
N CYS A 62 18.23 -4.56 8.68
CA CYS A 62 18.07 -3.60 9.77
C CYS A 62 18.85 -4.07 10.98
N ASN A 63 19.17 -3.10 11.84
CA ASN A 63 19.88 -3.33 13.09
C ASN A 63 18.87 -3.69 14.20
N VAL A 64 18.07 -4.70 13.92
CA VAL A 64 17.02 -5.13 14.84
C VAL A 64 17.47 -6.44 15.47
N THR A 65 18.32 -6.32 16.49
CA THR A 65 18.78 -7.45 17.29
C THR A 65 19.20 -6.93 18.67
N GLU A 66 18.82 -7.67 19.71
CA GLU A 66 17.81 -8.71 19.59
C GLU A 66 16.51 -8.16 20.14
N ASN A 67 15.65 -7.69 19.25
CA ASN A 67 14.46 -7.01 19.69
C ASN A 67 13.49 -8.01 20.32
N ASP A 68 13.16 -7.77 21.58
CA ASP A 68 12.09 -8.52 22.21
C ASP A 68 10.77 -8.31 21.46
N ASP A 69 10.50 -7.07 21.03
CA ASP A 69 9.24 -6.81 20.32
C ASP A 69 9.22 -7.50 18.96
N PHE A 70 10.35 -7.47 18.25
CA PHE A 70 10.38 -7.98 16.88
C PHE A 70 10.10 -9.48 16.85
N MET A 71 10.81 -10.24 17.66
CA MET A 71 10.62 -11.68 17.66
C MET A 71 9.33 -12.08 18.36
N MET A 72 8.70 -11.16 19.06
CA MET A 72 7.33 -11.39 19.52
C MET A 72 6.34 -11.25 18.36
N ILE A 73 6.45 -10.13 17.62
CA ILE A 73 5.64 -9.91 16.44
C ILE A 73 5.81 -11.05 15.46
N TYR A 74 7.06 -11.37 15.14
CA TYR A 74 7.33 -12.40 14.16
C TYR A 74 6.73 -13.74 14.59
N GLU A 75 7.19 -14.29 15.73
CA GLU A 75 6.72 -15.62 16.12
C GLU A 75 5.23 -15.61 16.40
N GLY A 76 4.69 -14.46 16.81
CA GLY A 76 3.25 -14.35 16.94
C GLY A 76 2.54 -14.52 15.61
N LEU A 77 3.11 -13.97 14.55
CA LEU A 77 2.46 -14.09 13.26
C LEU A 77 2.42 -15.53 12.78
N ASN A 78 3.44 -16.33 13.13
CA ASN A 78 3.54 -17.67 12.56
C ASN A 78 2.75 -18.71 13.33
N LYS A 79 2.50 -18.48 14.63
CA LYS A 79 1.83 -19.47 15.48
C LYS A 79 0.34 -19.20 15.66
N GLU A 80 -0.05 -17.93 15.80
CA GLU A 80 -1.46 -17.59 15.94
C GLU A 80 -2.27 -18.11 14.76
N LYS A 81 -3.48 -18.63 15.05
CA LYS A 81 -4.39 -19.15 14.04
C LYS A 81 -5.53 -18.16 13.82
N TRP A 82 -5.41 -17.38 12.76
CA TRP A 82 -6.31 -16.32 12.37
C TRP A 82 -7.46 -16.84 11.51
N ASN A 83 -8.61 -16.19 11.64
CA ASN A 83 -9.68 -16.43 10.68
C ASN A 83 -9.33 -15.66 9.42
N THR A 84 -8.82 -16.38 8.40
CA THR A 84 -8.48 -15.82 7.10
C THR A 84 -9.43 -16.39 6.06
N SER A 85 -10.74 -16.26 6.31
CA SER A 85 -11.79 -16.83 5.50
C SER A 85 -12.61 -15.74 4.82
N SER A 86 -13.17 -16.06 3.66
CA SER A 86 -14.07 -15.14 2.98
C SER A 86 -14.87 -15.94 1.97
N SER A 87 -15.90 -15.28 1.43
CA SER A 87 -16.75 -15.86 0.39
C SER A 87 -15.92 -16.37 -0.77
N SER A 88 -14.81 -15.70 -1.08
CA SER A 88 -14.15 -15.92 -2.35
C SER A 88 -12.63 -15.77 -2.21
N PRO A 89 -12.00 -16.53 -1.32
CA PRO A 89 -10.55 -16.35 -1.10
C PRO A 89 -9.74 -16.49 -2.39
N ARG A 90 -8.67 -15.72 -2.48
CA ARG A 90 -7.84 -15.63 -3.67
C ARG A 90 -6.39 -15.65 -3.22
N ASN A 91 -5.49 -15.77 -4.19
CA ASN A 91 -4.06 -15.64 -3.95
C ASN A 91 -3.54 -14.32 -4.52
N CYS A 92 -2.67 -13.69 -3.76
CA CYS A 92 -2.06 -12.44 -4.13
C CYS A 92 -0.57 -12.61 -3.98
N THR A 93 0.18 -11.95 -4.86
CA THR A 93 1.63 -12.01 -4.89
C THR A 93 2.20 -10.92 -4.02
N CYS A 94 3.28 -11.25 -3.32
CA CYS A 94 3.86 -10.25 -2.42
C CYS A 94 4.29 -9.02 -3.20
N GLU A 95 5.07 -9.21 -4.26
CA GLU A 95 5.71 -8.11 -4.99
C GLU A 95 4.72 -7.25 -5.76
N LEU A 96 3.44 -7.60 -5.79
CA LEU A 96 2.47 -6.72 -6.40
C LEU A 96 1.88 -5.73 -5.40
N TYR A 97 2.19 -5.88 -4.11
CA TYR A 97 1.84 -4.86 -3.14
C TYR A 97 2.72 -3.62 -3.32
N ASN A 98 2.36 -2.54 -2.65
CA ASN A 98 3.20 -1.36 -2.59
C ASN A 98 4.43 -1.62 -1.73
N GLN A 99 5.54 -1.01 -2.11
CA GLN A 99 6.61 -0.86 -1.16
C GLN A 99 6.39 0.42 -0.38
N THR A 100 6.95 0.48 0.81
CA THR A 100 6.96 1.71 1.58
C THR A 100 8.12 1.67 2.56
N HIS A 101 8.21 2.67 3.42
CA HIS A 101 9.27 2.68 4.41
C HIS A 101 8.86 1.83 5.62
N VAL A 102 9.78 1.72 6.59
CA VAL A 102 9.55 0.87 7.76
C VAL A 102 8.39 1.38 8.62
N LYS A 103 8.33 2.68 8.89
CA LYS A 103 7.31 3.22 9.79
C LYS A 103 5.91 2.77 9.35
N GLU A 104 5.59 2.96 8.07
CA GLU A 104 4.30 2.55 7.55
C GLU A 104 4.17 1.04 7.38
N PHE A 105 5.28 0.31 7.26
CA PHE A 105 5.18 -1.14 7.12
C PHE A 105 4.59 -1.76 8.37
N VAL A 106 5.13 -1.43 9.54
CA VAL A 106 4.58 -2.03 10.75
C VAL A 106 3.21 -1.44 11.04
N GLU A 107 3.04 -0.13 10.82
CA GLU A 107 1.74 0.49 10.94
C GLU A 107 0.69 -0.31 10.21
N ASN A 108 0.98 -0.66 8.94
CA ASN A 108 0.01 -1.45 8.21
C ASN A 108 -0.04 -2.87 8.78
N MET A 109 1.10 -3.38 9.25
CA MET A 109 1.08 -4.69 9.89
C MET A 109 0.17 -4.71 11.10
N GLU A 110 0.28 -3.69 11.97
CA GLU A 110 -0.65 -3.58 13.09
C GLU A 110 -2.10 -3.60 12.61
N ARG A 111 -2.46 -2.70 11.69
CA ARG A 111 -3.84 -2.59 11.21
C ARG A 111 -4.39 -3.94 10.76
N LEU A 112 -3.57 -4.72 10.06
CA LEU A 112 -3.95 -6.04 9.61
C LEU A 112 -4.20 -6.98 10.79
N VAL A 113 -3.30 -6.99 11.78
CA VAL A 113 -3.48 -7.85 12.94
C VAL A 113 -4.75 -7.48 13.67
N GLN A 114 -5.07 -6.19 13.72
CA GLN A 114 -6.29 -5.78 14.41
C GLN A 114 -7.50 -6.32 13.67
N LEU A 115 -7.49 -6.17 12.36
CA LEU A 115 -8.58 -6.68 11.55
C LEU A 115 -8.80 -8.16 11.82
N LEU A 116 -7.72 -8.93 11.87
CA LEU A 116 -7.85 -10.37 12.06
C LEU A 116 -8.54 -10.70 13.38
N TYR A 117 -8.24 -9.96 14.45
CA TYR A 117 -8.92 -10.15 15.73
C TYR A 117 -10.37 -9.67 15.71
N THR A 118 -10.63 -8.58 15.01
CA THR A 118 -12.00 -8.12 14.80
C THR A 118 -12.91 -9.20 14.20
N ARG A 119 -12.34 -10.25 13.63
CA ARG A 119 -13.12 -11.36 13.07
C ARG A 119 -12.39 -12.66 13.32
N ARG B 5 3.15 -0.33 -27.25
CA ARG B 5 3.42 0.55 -26.13
C ARG B 5 3.47 2.01 -26.60
N SER B 6 2.49 2.81 -26.17
CA SER B 6 2.25 4.16 -26.72
C SER B 6 3.19 5.18 -26.07
N ILE B 7 4.41 5.26 -26.62
CA ILE B 7 5.46 6.09 -26.04
C ILE B 7 5.04 7.57 -25.90
N ILE B 8 4.12 8.05 -26.75
CA ILE B 8 3.71 9.43 -26.64
C ILE B 8 2.90 9.66 -25.37
N ALA B 9 1.94 8.77 -25.09
CA ALA B 9 1.14 8.87 -23.87
C ALA B 9 1.98 8.59 -22.63
N GLN B 10 2.89 7.62 -22.71
CA GLN B 10 3.67 7.25 -21.54
C GLN B 10 4.58 8.39 -21.14
N ASP B 11 5.21 9.03 -22.12
CA ASP B 11 6.01 10.22 -21.82
C ASP B 11 5.15 11.37 -21.29
N MET B 12 3.92 11.56 -21.77
CA MET B 12 3.09 12.61 -21.16
C MET B 12 2.74 12.28 -19.71
N PHE B 13 2.54 11.00 -19.39
CA PHE B 13 2.36 10.65 -17.99
C PHE B 13 3.64 10.88 -17.22
N LYS B 14 4.75 10.32 -17.72
CA LYS B 14 6.02 10.42 -17.02
C LYS B 14 6.29 11.86 -16.59
N THR B 15 6.26 12.80 -17.55
CA THR B 15 6.54 14.19 -17.22
C THR B 15 5.49 14.74 -16.27
N ALA B 16 4.21 14.47 -16.56
CA ALA B 16 3.17 14.95 -15.64
C ALA B 16 3.34 14.35 -14.24
N PHE B 17 3.85 13.12 -14.14
CA PHE B 17 4.05 12.52 -12.82
C PHE B 17 5.27 13.12 -12.14
N LYS B 18 6.33 13.41 -12.91
CA LYS B 18 7.54 13.96 -12.29
C LYS B 18 7.31 15.40 -11.87
N GLY B 19 6.66 16.20 -12.73
CA GLY B 19 6.31 17.57 -12.46
C GLY B 19 5.15 17.76 -11.51
N PHE B 20 4.89 16.75 -10.67
CA PHE B 20 3.81 16.76 -9.69
C PHE B 20 4.24 16.12 -8.39
N LYS B 21 4.77 14.90 -8.46
CA LYS B 21 5.43 14.23 -7.35
C LYS B 21 6.57 15.05 -6.74
N ASP B 22 7.23 15.89 -7.53
CA ASP B 22 8.34 16.68 -7.01
C ASP B 22 7.84 17.98 -6.40
N GLY B 23 6.77 18.54 -6.95
CA GLY B 23 6.17 19.73 -6.36
C GLY B 23 5.31 19.40 -5.15
N ILE B 24 4.60 18.27 -5.18
CA ILE B 24 3.68 17.88 -4.12
C ILE B 24 4.47 17.63 -2.82
N SER B 25 3.74 17.27 -1.74
CA SER B 25 4.17 17.37 -0.33
C SER B 25 4.06 18.84 0.09
N ALA B 26 4.82 19.69 -0.60
CA ALA B 26 4.76 21.13 -0.41
C ALA B 26 3.39 21.71 -0.73
N LYS B 27 2.60 21.05 -1.58
CA LYS B 27 1.32 21.58 -2.03
C LYS B 27 0.12 21.00 -1.28
N CYS B 28 0.36 20.17 -0.26
CA CYS B 28 -0.66 19.48 0.51
C CYS B 28 -0.29 19.52 1.99
N PRO B 29 -1.29 19.48 2.88
CA PRO B 29 -1.00 19.38 4.33
C PRO B 29 -0.18 18.13 4.65
N LYS B 30 0.83 18.31 5.53
CA LYS B 30 1.70 17.18 5.84
C LYS B 30 0.92 15.97 6.32
N ASP B 31 -0.27 16.17 6.87
CA ASP B 31 -1.07 15.09 7.41
C ASP B 31 -2.10 14.59 6.40
N THR B 32 -2.03 15.06 5.16
CA THR B 32 -2.90 14.48 4.15
C THR B 32 -2.51 13.03 3.90
N ARG B 33 -3.52 12.19 3.73
CA ARG B 33 -3.34 10.78 3.46
C ARG B 33 -4.37 10.35 2.42
N LEU B 34 -4.02 9.30 1.69
CA LEU B 34 -4.83 8.82 0.58
C LEU B 34 -4.73 7.31 0.51
N TYR B 35 -5.80 6.68 0.07
CA TYR B 35 -5.78 5.26 -0.20
C TYR B 35 -5.05 4.99 -1.51
N SER B 36 -4.00 4.17 -1.46
CA SER B 36 -3.11 3.89 -2.59
C SER B 36 -3.29 2.46 -3.14
N PRO B 37 -4.13 2.26 -4.16
CA PRO B 37 -4.27 0.92 -4.77
C PRO B 37 -2.96 0.48 -5.39
N ASP B 38 -2.78 -0.83 -5.46
CA ASP B 38 -1.54 -1.42 -5.92
C ASP B 38 -1.78 -2.11 -7.27
N ILE B 39 -0.93 -3.07 -7.61
CA ILE B 39 -1.06 -3.67 -8.93
C ILE B 39 -1.38 -5.17 -8.85
N GLN B 40 -2.19 -5.60 -7.88
CA GLN B 40 -2.60 -7.01 -7.88
C GLN B 40 -3.26 -7.32 -9.21
N GLU B 41 -2.92 -8.51 -9.75
CA GLU B 41 -3.29 -8.87 -11.11
C GLU B 41 -4.78 -8.79 -11.33
N ASP B 42 -5.56 -9.18 -10.34
CA ASP B 42 -7.00 -9.35 -10.51
C ASP B 42 -7.80 -8.16 -10.03
N CYS B 43 -7.17 -7.08 -9.57
CA CYS B 43 -7.93 -5.94 -9.08
C CYS B 43 -7.65 -4.67 -9.87
N LEU B 44 -6.98 -4.82 -11.03
CA LEU B 44 -6.61 -3.66 -11.84
C LEU B 44 -7.78 -2.69 -12.01
N SER B 45 -8.93 -3.18 -12.47
CA SER B 45 -10.07 -2.29 -12.71
C SER B 45 -10.45 -1.50 -11.45
N SER B 46 -10.79 -2.18 -10.35
CA SER B 46 -10.98 -1.47 -9.08
C SER B 46 -9.88 -0.44 -8.83
N ALA B 47 -8.63 -0.91 -8.80
CA ALA B 47 -7.48 -0.07 -8.47
C ALA B 47 -7.47 1.20 -9.29
N LEU B 48 -7.97 1.13 -10.51
CA LEU B 48 -8.07 2.31 -11.36
C LEU B 48 -9.14 3.27 -10.84
N LYS B 49 -10.34 2.74 -10.55
CA LYS B 49 -11.44 3.58 -10.10
C LYS B 49 -11.16 4.21 -8.75
N CYS B 50 -10.42 3.54 -7.88
CA CYS B 50 -10.14 4.16 -6.60
C CYS B 50 -9.07 5.22 -6.75
N THR B 51 -8.10 4.99 -7.65
CA THR B 51 -7.07 5.99 -7.91
C THR B 51 -7.71 7.28 -8.38
N ILE B 52 -8.58 7.18 -9.38
CA ILE B 52 -9.37 8.32 -9.84
C ILE B 52 -10.18 8.92 -8.68
N ALA B 53 -10.76 8.08 -7.84
CA ALA B 53 -11.64 8.60 -6.79
C ALA B 53 -10.85 9.37 -5.73
N GLU B 54 -9.59 8.98 -5.48
CA GLU B 54 -8.83 9.69 -4.45
C GLU B 54 -8.16 10.92 -5.01
N LEU B 55 -7.92 10.94 -6.31
CA LEU B 55 -7.57 12.17 -7.01
C LEU B 55 -8.56 13.27 -6.66
N LYS B 56 -9.85 12.94 -6.65
CA LYS B 56 -10.86 13.93 -6.25
C LYS B 56 -10.69 14.33 -4.80
N VAL B 57 -10.47 13.37 -3.90
CA VAL B 57 -10.22 13.69 -2.50
C VAL B 57 -8.94 14.52 -2.36
N LEU B 58 -7.98 14.36 -3.28
CA LEU B 58 -6.79 15.23 -3.31
C LEU B 58 -7.08 16.57 -4.00
N GLU B 59 -8.20 16.70 -4.72
CA GLU B 59 -8.49 17.93 -5.44
C GLU B 59 -9.03 19.00 -4.52
N VAL B 60 -9.69 18.59 -3.43
CA VAL B 60 -10.18 19.51 -2.42
C VAL B 60 -9.23 19.61 -1.23
N GLU B 61 -8.45 18.55 -0.95
CA GLU B 61 -7.50 18.62 0.16
C GLU B 61 -6.41 19.63 -0.13
N CYS B 62 -5.96 19.70 -1.38
CA CYS B 62 -4.87 20.58 -1.77
C CYS B 62 -5.34 21.61 -2.80
N ASN B 63 -4.40 22.36 -3.40
CA ASN B 63 -4.72 23.29 -4.47
C ASN B 63 -5.30 22.56 -5.69
N VAL B 64 -4.42 22.16 -6.62
CA VAL B 64 -4.63 21.19 -7.69
C VAL B 64 -6.02 21.17 -8.36
N THR B 65 -6.94 22.03 -7.91
CA THR B 65 -8.19 22.21 -8.65
C THR B 65 -7.90 22.74 -10.05
N GLU B 66 -6.75 23.39 -10.23
CA GLU B 66 -6.21 23.79 -11.53
C GLU B 66 -5.12 22.83 -12.00
N ASN B 67 -3.91 23.33 -12.25
CA ASN B 67 -2.68 22.57 -12.49
C ASN B 67 -2.69 21.77 -13.79
N ASP B 68 -1.88 22.21 -14.75
CA ASP B 68 -1.71 21.48 -16.01
C ASP B 68 -1.43 20.01 -15.75
N ASP B 69 -0.48 19.72 -14.86
CA ASP B 69 -0.14 18.34 -14.56
C ASP B 69 -1.35 17.58 -14.02
N PHE B 70 -2.00 18.11 -12.99
CA PHE B 70 -3.13 17.38 -12.38
C PHE B 70 -4.21 17.10 -13.40
N MET B 71 -4.53 18.09 -14.26
CA MET B 71 -5.62 17.88 -15.21
C MET B 71 -5.26 16.83 -16.23
N MET B 72 -4.04 16.88 -16.76
CA MET B 72 -3.59 15.84 -17.70
C MET B 72 -3.66 14.45 -17.07
N ILE B 73 -3.16 14.32 -15.83
CA ILE B 73 -3.23 13.04 -15.13
C ILE B 73 -4.68 12.58 -14.99
N TYR B 74 -5.53 13.43 -14.40
CA TYR B 74 -6.92 13.07 -14.15
C TYR B 74 -7.64 12.75 -15.45
N GLU B 75 -7.46 13.59 -16.47
CA GLU B 75 -8.20 13.40 -17.70
C GLU B 75 -7.70 12.17 -18.44
N GLY B 76 -6.39 11.93 -18.42
CA GLY B 76 -5.84 10.72 -19.00
C GLY B 76 -6.50 9.46 -18.46
N LEU B 77 -6.71 9.40 -17.14
CA LEU B 77 -7.19 8.16 -16.53
C LEU B 77 -8.64 7.86 -16.92
N ASN B 78 -9.49 8.89 -16.97
CA ASN B 78 -10.90 8.65 -17.27
C ASN B 78 -11.16 8.41 -18.76
N LYS B 79 -10.23 8.79 -19.65
CA LYS B 79 -10.46 8.70 -21.09
C LYS B 79 -9.60 7.67 -21.81
N GLU B 80 -8.44 7.29 -21.28
CA GLU B 80 -7.63 6.26 -21.91
C GLU B 80 -8.25 4.89 -21.67
N LYS B 81 -8.35 4.08 -22.71
CA LYS B 81 -8.95 2.77 -22.61
C LYS B 81 -7.90 1.74 -22.17
N TRP B 82 -8.08 1.17 -20.98
CA TRP B 82 -7.06 0.32 -20.40
C TRP B 82 -7.41 -1.15 -20.57
N ASN B 83 -6.38 -2.01 -20.55
CA ASN B 83 -6.56 -3.46 -20.46
C ASN B 83 -6.42 -3.81 -18.98
N THR B 84 -7.55 -3.79 -18.27
CA THR B 84 -7.58 -4.08 -16.84
C THR B 84 -8.08 -5.50 -16.57
N SER B 85 -7.97 -6.42 -17.52
CA SER B 85 -8.71 -7.69 -17.46
C SER B 85 -7.82 -8.81 -16.93
N SER B 86 -8.47 -9.87 -16.43
CA SER B 86 -7.74 -11.03 -15.93
C SER B 86 -8.60 -12.28 -16.00
N SER B 87 -7.99 -13.42 -15.70
CA SER B 87 -8.78 -14.64 -15.75
C SER B 87 -9.65 -14.80 -14.52
N SER B 88 -9.29 -14.15 -13.40
CA SER B 88 -10.05 -14.30 -12.16
C SER B 88 -10.23 -12.93 -11.50
N PRO B 89 -10.98 -12.04 -12.14
CA PRO B 89 -11.03 -10.66 -11.64
C PRO B 89 -11.87 -10.60 -10.37
N ARG B 90 -11.63 -9.54 -9.60
CA ARG B 90 -12.10 -9.39 -8.23
C ARG B 90 -12.40 -7.92 -7.96
N ASN B 91 -13.41 -7.66 -7.11
CA ASN B 91 -13.77 -6.29 -6.73
C ASN B 91 -13.03 -5.92 -5.44
N CYS B 92 -12.01 -5.08 -5.57
CA CYS B 92 -11.38 -4.49 -4.40
C CYS B 92 -12.18 -3.27 -3.89
N THR B 93 -11.94 -2.92 -2.63
CA THR B 93 -12.59 -1.79 -1.95
C THR B 93 -11.53 -0.76 -1.62
N CYS B 94 -11.72 0.48 -2.06
CA CYS B 94 -10.71 1.53 -1.92
C CYS B 94 -10.25 1.69 -0.47
N GLU B 95 -11.18 1.70 0.47
CA GLU B 95 -10.85 1.90 1.88
C GLU B 95 -10.24 0.66 2.50
N LEU B 96 -10.07 -0.42 1.73
CA LEU B 96 -9.32 -1.57 2.22
C LEU B 96 -7.86 -1.52 1.85
N TYR B 97 -7.44 -0.52 1.06
CA TYR B 97 -6.05 -0.29 0.73
C TYR B 97 -5.31 0.40 1.89
N ASN B 98 -4.00 0.50 1.76
CA ASN B 98 -3.20 1.27 2.69
C ASN B 98 -3.30 2.75 2.39
N GLN B 99 -3.43 3.56 3.45
CA GLN B 99 -3.34 5.00 3.26
C GLN B 99 -1.87 5.43 3.27
N THR B 100 -1.58 6.51 2.53
CA THR B 100 -0.21 6.94 2.39
C THR B 100 -0.12 8.46 2.24
N HIS B 101 1.09 8.97 2.37
CA HIS B 101 1.36 10.37 2.12
C HIS B 101 1.29 10.69 0.62
N VAL B 102 0.96 11.95 0.31
CA VAL B 102 0.54 12.31 -1.04
C VAL B 102 1.59 11.97 -2.08
N LYS B 103 2.87 12.12 -1.76
CA LYS B 103 3.92 11.84 -2.73
C LYS B 103 3.99 10.36 -3.06
N GLU B 104 4.02 9.49 -2.05
CA GLU B 104 3.97 8.05 -2.33
C GLU B 104 2.72 7.69 -3.12
N PHE B 105 1.63 8.42 -2.90
CA PHE B 105 0.40 8.12 -3.65
C PHE B 105 0.61 8.30 -5.14
N VAL B 106 1.33 9.35 -5.55
CA VAL B 106 1.48 9.53 -6.99
C VAL B 106 2.52 8.53 -7.53
N GLU B 107 3.48 8.13 -6.70
CA GLU B 107 4.46 7.13 -7.14
C GLU B 107 3.78 5.82 -7.47
N ASN B 108 3.01 5.29 -6.52
CA ASN B 108 2.22 4.09 -6.78
C ASN B 108 1.35 4.28 -8.01
N MET B 109 0.73 5.46 -8.12
CA MET B 109 -0.11 5.77 -9.28
C MET B 109 0.70 5.65 -10.56
N GLU B 110 1.93 6.21 -10.58
CA GLU B 110 2.83 6.02 -11.71
C GLU B 110 3.09 4.53 -11.96
N ARG B 111 3.19 3.74 -10.90
CA ARG B 111 3.46 2.32 -11.07
C ARG B 111 2.26 1.58 -11.66
N LEU B 112 1.05 1.99 -11.29
CA LEU B 112 -0.16 1.37 -11.84
C LEU B 112 -0.35 1.68 -13.33
N VAL B 113 0.02 2.88 -13.77
CA VAL B 113 -0.09 3.24 -15.18
C VAL B 113 1.02 2.59 -16.01
N GLN B 114 2.26 2.57 -15.52
CA GLN B 114 3.30 1.80 -16.22
C GLN B 114 2.87 0.36 -16.44
N LEU B 115 2.31 -0.29 -15.40
CA LEU B 115 1.91 -1.69 -15.58
C LEU B 115 0.90 -1.82 -16.72
N LEU B 116 -0.18 -1.02 -16.69
CA LEU B 116 -1.23 -1.19 -17.69
C LEU B 116 -0.81 -0.77 -19.08
N TYR B 117 0.30 -0.04 -19.22
CA TYR B 117 0.81 0.16 -20.57
C TYR B 117 1.66 -1.02 -21.01
N THR B 118 2.22 -1.76 -20.06
CA THR B 118 2.95 -2.96 -20.42
C THR B 118 2.05 -4.08 -20.93
N ARG B 119 0.74 -4.01 -20.70
CA ARG B 119 -0.18 -5.04 -21.19
C ARG B 119 -1.40 -4.41 -21.90
#